data_7WB3
#
_entry.id   7WB3
#
_cell.length_a   69.140
_cell.length_b   62.844
_cell.length_c   68.937
_cell.angle_alpha   90.00
_cell.angle_beta   108.71
_cell.angle_gamma   90.00
#
_symmetry.space_group_name_H-M   'P 1 21 1'
#
loop_
_entity.id
_entity.type
_entity.pdbx_description
1 polymer 'Redox-sensing transcriptional repressor Rex'
2 polymer "DNA (5'-D(*AP*TP*TP*TP*GP*AP*GP*AP*AP*AP*TP*TP*TP*AP*TP*CP*AP*CP*AP*AP*AP*A)-3')"
3 polymer "DNA (5'-D(*TP*TP*TP*TP*GP*TP*GP*AP*TP*AP*AP*AP*TP*TP*TP*CP*TP*CP*AP*AP*AP*T)-3')"
4 non-polymer NICOTINAMIDE-ADENINE-DINUCLEOTIDE
5 water water
#
loop_
_entity_poly.entity_id
_entity_poly.type
_entity_poly.pdbx_seq_one_letter_code
_entity_poly.pdbx_strand_id
1 'polypeptide(L)'
;MAEKIPKPVSKRLVSYYMCLERLLDEGVEVVSSEELARRLDLKASQIRKDLSYFGEFGKRGVGYNVEHLYDAIGEILGVK
KEWKLVVVGAGNIGRAVANYTVMKEKGFRIIGIFDSDPSKIGKEAAPGLTVSDVSELEKFVEEHGVEIGVIAVPAEHAQE
IAERLEKAGIKGILNFAPVKIKVSVPVENIDITASLRVLTFEIVRRNS
;
A,B
2 'polydeoxyribonucleotide'
;(DA)(DT)(DT)(DT)(DG)(DA)(DG)(DA)(DA)(DA)(DT)(DT)(DT)(DA)(DT)(DC)(DA)(DC)(DA)(DA)
(DA)(DA)
;
C
3 'polydeoxyribonucleotide'
;(DT)(DT)(DT)(DT)(DG)(DT)(DG)(DA)(DT)(DA)(DA)(DA)(DT)(DT)(DT)(DC)(DT)(DC)(DA)(DA)
(DA)(DT)
;
D
#
# COMPACT_ATOMS: atom_id res chain seq x y z
N ILE A 5 -11.39 1.86 -20.49
CA ILE A 5 -11.07 0.85 -19.49
C ILE A 5 -11.46 1.34 -18.10
N PRO A 6 -12.47 0.70 -17.51
CA PRO A 6 -12.86 1.07 -16.14
C PRO A 6 -11.67 0.99 -15.19
N LYS A 7 -11.73 1.82 -14.15
CA LYS A 7 -10.62 1.99 -13.21
C LYS A 7 -10.31 0.72 -12.42
N PRO A 8 -11.32 -0.01 -11.92
CA PRO A 8 -11.03 -1.20 -11.11
C PRO A 8 -10.48 -2.38 -11.89
N VAL A 9 -10.44 -2.30 -13.22
CA VAL A 9 -10.03 -3.46 -14.02
C VAL A 9 -8.55 -3.76 -13.83
N SER A 10 -7.71 -2.74 -13.95
CA SER A 10 -6.26 -2.95 -13.86
C SER A 10 -5.89 -3.70 -12.59
N LYS A 11 -6.51 -3.33 -11.46
CA LYS A 11 -6.21 -4.00 -10.21
C LYS A 11 -6.58 -5.47 -10.26
N ARG A 12 -7.78 -5.78 -10.76
CA ARG A 12 -8.19 -7.18 -10.85
C ARG A 12 -7.37 -7.94 -11.88
N LEU A 13 -6.92 -7.27 -12.94
CA LEU A 13 -6.06 -7.92 -13.91
C LEU A 13 -4.77 -8.42 -13.26
N VAL A 14 -4.19 -7.61 -12.38
CA VAL A 14 -2.99 -8.04 -11.66
C VAL A 14 -3.30 -9.25 -10.79
N SER A 15 -4.51 -9.31 -10.23
CA SER A 15 -4.90 -10.46 -9.42
C SER A 15 -5.03 -11.72 -10.26
N TYR A 16 -5.66 -11.62 -11.44
CA TYR A 16 -5.72 -12.75 -12.35
C TYR A 16 -4.31 -13.22 -12.72
N TYR A 17 -3.39 -12.26 -12.90
CA TYR A 17 -2.03 -12.60 -13.33
C TYR A 17 -1.33 -13.47 -12.29
N MET A 18 -1.37 -13.07 -11.03
CA MET A 18 -0.75 -13.88 -9.98
C MET A 18 -1.41 -15.25 -9.87
N CYS A 19 -2.74 -15.30 -9.99
CA CYS A 19 -3.43 -16.58 -9.89
C CYS A 19 -3.04 -17.51 -11.03
N LEU A 20 -2.88 -16.96 -12.24
CA LEU A 20 -2.49 -17.79 -13.37
C LEU A 20 -1.08 -18.35 -13.19
N GLU A 21 -0.18 -17.56 -12.59
CA GLU A 21 1.16 -18.07 -12.33
C GLU A 21 1.11 -19.22 -11.32
N ARG A 22 0.19 -19.15 -10.36
CA ARG A 22 0.01 -20.26 -9.42
C ARG A 22 -0.50 -21.51 -10.14
N LEU A 23 -1.48 -21.34 -11.03
CA LEU A 23 -2.00 -22.47 -11.77
C LEU A 23 -0.91 -23.12 -12.62
N LEU A 24 -0.02 -22.31 -13.20
CA LEU A 24 1.10 -22.86 -13.97
C LEU A 24 2.05 -23.64 -13.07
N ASP A 25 2.30 -23.14 -11.85
CA ASP A 25 3.13 -23.89 -10.91
C ASP A 25 2.46 -25.19 -10.49
N GLU A 26 1.13 -25.25 -10.54
CA GLU A 26 0.41 -26.47 -10.21
C GLU A 26 0.29 -27.43 -11.38
N GLY A 27 0.67 -27.01 -12.59
CA GLY A 27 0.58 -27.85 -13.76
C GLY A 27 -0.71 -27.75 -14.53
N VAL A 28 -1.62 -26.86 -14.12
CA VAL A 28 -2.90 -26.73 -14.81
C VAL A 28 -2.69 -26.04 -16.15
N GLU A 29 -3.24 -26.65 -17.21
CA GLU A 29 -3.13 -26.10 -18.56
C GLU A 29 -4.37 -25.35 -19.00
N VAL A 30 -5.56 -25.78 -18.58
CA VAL A 30 -6.81 -25.12 -18.92
C VAL A 30 -7.56 -24.80 -17.64
N VAL A 31 -8.24 -23.66 -17.63
CA VAL A 31 -9.03 -23.24 -16.48
C VAL A 31 -10.25 -22.48 -16.99
N SER A 32 -11.39 -22.70 -16.34
CA SER A 32 -12.61 -21.97 -16.66
C SER A 32 -12.70 -20.71 -15.82
N SER A 33 -13.52 -19.76 -16.29
CA SER A 33 -13.73 -18.54 -15.52
C SER A 33 -14.35 -18.85 -14.16
N GLU A 34 -15.16 -19.91 -14.08
CA GLU A 34 -15.75 -20.29 -12.80
C GLU A 34 -14.70 -20.85 -11.85
N GLU A 35 -13.70 -21.56 -12.37
CA GLU A 35 -12.63 -22.07 -11.52
C GLU A 35 -11.72 -20.92 -11.05
N LEU A 36 -11.47 -19.95 -11.92
CA LEU A 36 -10.72 -18.77 -11.52
C LEU A 36 -11.47 -17.98 -10.46
N ALA A 37 -12.77 -17.75 -10.67
CA ALA A 37 -13.57 -17.03 -9.68
C ALA A 37 -13.61 -17.78 -8.36
N ARG A 38 -13.50 -19.11 -8.40
CA ARG A 38 -13.57 -19.90 -7.18
C ARG A 38 -12.38 -19.64 -6.27
N ARG A 39 -11.21 -19.35 -6.83
CA ARG A 39 -10.01 -19.14 -6.04
C ARG A 39 -9.71 -17.67 -5.80
N LEU A 40 -10.43 -16.74 -6.45
CA LEU A 40 -10.28 -15.32 -6.20
C LEU A 40 -11.44 -14.71 -5.44
N ASP A 41 -12.53 -15.45 -5.22
CA ASP A 41 -13.70 -14.95 -4.53
C ASP A 41 -14.37 -13.82 -5.32
N LEU A 42 -14.49 -14.01 -6.63
CA LEU A 42 -15.14 -13.08 -7.52
C LEU A 42 -16.22 -13.81 -8.31
N LYS A 43 -17.07 -13.05 -8.99
CA LYS A 43 -18.04 -13.62 -9.90
C LYS A 43 -17.41 -13.93 -11.24
N ALA A 44 -17.71 -15.11 -11.78
CA ALA A 44 -17.14 -15.51 -13.06
C ALA A 44 -17.46 -14.48 -14.15
N SER A 45 -18.66 -13.90 -14.12
CA SER A 45 -19.04 -12.92 -15.13
C SER A 45 -18.12 -11.71 -15.10
N GLN A 46 -17.71 -11.28 -13.90
CA GLN A 46 -16.80 -10.14 -13.82
C GLN A 46 -15.46 -10.44 -14.47
N ILE A 47 -14.92 -11.63 -14.21
CA ILE A 47 -13.63 -12.00 -14.82
C ILE A 47 -13.75 -12.00 -16.34
N ARG A 48 -14.84 -12.57 -16.86
CA ARG A 48 -15.01 -12.62 -18.31
C ARG A 48 -15.18 -11.22 -18.89
N LYS A 49 -15.93 -10.35 -18.19
CA LYS A 49 -16.12 -8.98 -18.67
C LYS A 49 -14.80 -8.24 -18.75
N ASP A 50 -13.99 -8.29 -17.68
CA ASP A 50 -12.72 -7.58 -17.67
C ASP A 50 -11.83 -8.03 -18.83
N LEU A 51 -11.77 -9.34 -19.08
CA LEU A 51 -10.97 -9.83 -20.20
C LEU A 51 -11.55 -9.38 -21.54
N SER A 52 -12.86 -9.14 -21.61
CA SER A 52 -13.47 -8.70 -22.86
C SER A 52 -12.89 -7.39 -23.34
N TYR A 53 -12.47 -6.52 -22.42
CA TYR A 53 -11.95 -5.20 -22.80
C TYR A 53 -10.70 -5.30 -23.67
N PHE A 54 -9.96 -6.40 -23.57
CA PHE A 54 -8.66 -6.50 -24.22
C PHE A 54 -8.61 -7.51 -25.35
N GLY A 55 -9.54 -8.46 -25.41
CA GLY A 55 -9.56 -9.41 -26.49
C GLY A 55 -10.40 -10.62 -26.13
N GLU A 56 -10.35 -11.61 -27.02
CA GLU A 56 -11.06 -12.87 -26.85
C GLU A 56 -10.01 -13.96 -26.66
N PHE A 57 -9.70 -14.27 -25.40
CA PHE A 57 -8.67 -15.25 -25.07
C PHE A 57 -9.24 -16.62 -24.71
N GLY A 58 -10.56 -16.78 -24.71
CA GLY A 58 -11.18 -18.01 -24.29
C GLY A 58 -11.57 -18.92 -25.45
N LYS A 59 -11.86 -20.17 -25.09
CA LYS A 59 -12.34 -21.18 -26.03
C LYS A 59 -13.76 -21.54 -25.61
N ARG A 60 -14.73 -21.20 -26.45
CA ARG A 60 -16.13 -21.42 -26.11
C ARG A 60 -16.37 -22.88 -25.75
N GLY A 61 -17.08 -23.11 -24.65
CA GLY A 61 -17.35 -24.45 -24.20
C GLY A 61 -16.14 -25.20 -23.69
N VAL A 62 -15.01 -24.53 -23.46
CA VAL A 62 -13.80 -25.19 -23.02
C VAL A 62 -13.18 -24.42 -21.86
N GLY A 63 -12.88 -23.14 -22.09
CA GLY A 63 -12.26 -22.31 -21.07
C GLY A 63 -11.12 -21.46 -21.59
N TYR A 64 -10.08 -21.29 -20.78
CA TYR A 64 -8.93 -20.47 -21.13
C TYR A 64 -7.65 -21.30 -21.00
N ASN A 65 -6.78 -21.21 -22.00
CA ASN A 65 -5.46 -21.80 -21.90
C ASN A 65 -4.64 -21.00 -20.90
N VAL A 66 -4.25 -21.63 -19.80
CA VAL A 66 -3.61 -20.91 -18.70
C VAL A 66 -2.38 -20.16 -19.19
N GLU A 67 -1.51 -20.85 -19.94
CA GLU A 67 -0.26 -20.22 -20.36
C GLU A 67 -0.53 -19.08 -21.34
N HIS A 68 -1.46 -19.27 -22.27
CA HIS A 68 -1.77 -18.23 -23.24
C HIS A 68 -2.35 -16.99 -22.56
N LEU A 69 -3.27 -17.18 -21.62
CA LEU A 69 -3.88 -16.04 -20.95
C LEU A 69 -2.88 -15.34 -20.03
N TYR A 70 -2.03 -16.11 -19.37
CA TYR A 70 -0.94 -15.54 -18.58
C TYR A 70 -0.06 -14.64 -19.44
N ASP A 71 0.37 -15.15 -20.59
CA ASP A 71 1.20 -14.36 -21.49
C ASP A 71 0.44 -13.14 -22.01
N ALA A 72 -0.85 -13.28 -22.27
CA ALA A 72 -1.63 -12.16 -22.78
C ALA A 72 -1.75 -11.05 -21.74
N ILE A 73 -2.13 -11.42 -20.51
CA ILE A 73 -2.24 -10.42 -19.45
C ILE A 73 -0.87 -9.82 -19.15
N GLY A 74 0.18 -10.64 -19.16
CA GLY A 74 1.52 -10.11 -18.95
C GLY A 74 1.89 -9.05 -19.96
N GLU A 75 1.48 -9.24 -21.22
CA GLU A 75 1.74 -8.24 -22.24
C GLU A 75 0.92 -6.98 -22.00
N ILE A 76 -0.33 -7.13 -21.57
CA ILE A 76 -1.16 -5.97 -21.29
C ILE A 76 -0.62 -5.18 -20.10
N LEU A 77 -0.20 -5.89 -19.05
CA LEU A 77 0.35 -5.22 -17.88
C LEU A 77 1.72 -4.60 -18.15
N GLY A 78 2.37 -4.98 -19.24
CA GLY A 78 3.73 -4.52 -19.49
C GLY A 78 4.79 -5.25 -18.71
N VAL A 79 4.52 -6.48 -18.27
CA VAL A 79 5.46 -7.23 -17.44
C VAL A 79 6.44 -8.05 -18.27
N LYS A 80 6.26 -8.13 -19.59
CA LYS A 80 7.15 -8.94 -20.42
C LYS A 80 8.52 -8.30 -20.63
N LYS A 81 8.86 -7.24 -19.89
CA LYS A 81 10.14 -6.57 -19.98
C LYS A 81 10.71 -6.37 -18.59
N GLU A 82 11.99 -5.99 -18.54
CA GLU A 82 12.64 -5.64 -17.29
C GLU A 82 12.49 -4.13 -17.05
N TRP A 83 12.09 -3.76 -15.84
CA TRP A 83 11.89 -2.36 -15.49
C TRP A 83 12.99 -1.92 -14.55
N LYS A 84 13.62 -0.80 -14.88
CA LYS A 84 14.71 -0.25 -14.08
C LYS A 84 14.15 0.74 -13.06
N LEU A 85 14.40 0.48 -11.78
CA LEU A 85 13.87 1.29 -10.70
C LEU A 85 15.01 1.93 -9.91
N VAL A 86 14.72 3.09 -9.34
CA VAL A 86 15.59 3.74 -8.36
C VAL A 86 14.76 4.05 -7.13
N VAL A 87 15.38 3.92 -5.96
CA VAL A 87 14.74 4.23 -4.69
C VAL A 87 15.34 5.51 -4.14
N VAL A 88 14.48 6.49 -3.88
CA VAL A 88 14.89 7.74 -3.27
C VAL A 88 14.47 7.70 -1.80
N GLY A 89 15.46 7.72 -0.91
CA GLY A 89 15.21 7.55 0.51
C GLY A 89 15.65 6.18 0.98
N ALA A 90 16.75 6.12 1.72
CA ALA A 90 17.31 4.87 2.22
C ALA A 90 16.91 4.59 3.66
N GLY A 91 15.70 4.99 4.06
CA GLY A 91 15.20 4.73 5.39
C GLY A 91 14.57 3.36 5.52
N ASN A 92 13.61 3.25 6.45
CA ASN A 92 12.93 1.98 6.67
C ASN A 92 12.29 1.46 5.38
N ILE A 93 11.40 2.26 4.78
CA ILE A 93 10.68 1.82 3.60
C ILE A 93 11.66 1.61 2.43
N GLY A 94 12.55 2.58 2.21
CA GLY A 94 13.46 2.47 1.08
C GLY A 94 14.32 1.23 1.14
N ARG A 95 14.86 0.91 2.31
CA ARG A 95 15.71 -0.27 2.44
C ARG A 95 14.90 -1.55 2.32
N ALA A 96 13.70 -1.56 2.89
CA ALA A 96 12.84 -2.75 2.79
C ALA A 96 12.51 -3.07 1.34
N VAL A 97 12.20 -2.04 0.55
CA VAL A 97 11.85 -2.26 -0.85
C VAL A 97 13.08 -2.66 -1.66
N ALA A 98 14.22 -2.06 -1.35
CA ALA A 98 15.46 -2.38 -2.07
C ALA A 98 15.86 -3.84 -1.84
N ASN A 99 15.84 -4.29 -0.58
CA ASN A 99 16.25 -5.65 -0.28
C ASN A 99 15.28 -6.68 -0.84
N TYR A 100 14.01 -6.33 -1.00
CA TYR A 100 13.05 -7.28 -1.54
C TYR A 100 13.17 -7.39 -3.05
N THR A 101 13.12 -6.25 -3.75
CA THR A 101 13.19 -6.27 -5.21
C THR A 101 14.45 -6.97 -5.69
N VAL A 102 15.61 -6.60 -5.12
CA VAL A 102 16.86 -7.24 -5.52
C VAL A 102 16.80 -8.74 -5.30
N MET A 103 16.04 -9.19 -4.30
CA MET A 103 16.00 -10.59 -3.89
C MET A 103 14.84 -11.36 -4.50
N LYS A 104 13.63 -10.84 -4.40
CA LYS A 104 12.43 -11.61 -4.74
C LYS A 104 11.92 -11.36 -6.16
N GLU A 105 12.11 -10.16 -6.70
CA GLU A 105 11.57 -9.82 -8.01
C GLU A 105 12.64 -9.99 -9.09
N LYS A 106 12.20 -10.50 -10.24
CA LYS A 106 13.07 -10.65 -11.40
C LYS A 106 12.71 -9.72 -12.55
N GLY A 107 11.53 -9.11 -12.52
CA GLY A 107 11.11 -8.20 -13.57
C GLY A 107 11.40 -6.74 -13.24
N PHE A 108 11.61 -6.45 -11.97
CA PHE A 108 11.93 -5.11 -11.49
C PHE A 108 13.32 -5.15 -10.89
N ARG A 109 14.26 -4.40 -11.49
CA ARG A 109 15.65 -4.40 -11.08
C ARG A 109 16.01 -3.03 -10.52
N ILE A 110 16.18 -2.94 -9.21
CA ILE A 110 16.66 -1.72 -8.58
C ILE A 110 18.15 -1.57 -8.87
N ILE A 111 18.50 -0.51 -9.61
CA ILE A 111 19.89 -0.26 -9.98
C ILE A 111 20.46 0.96 -9.28
N GLY A 112 19.69 1.60 -8.41
CA GLY A 112 20.19 2.75 -7.67
C GLY A 112 19.31 3.14 -6.50
N ILE A 113 19.94 3.63 -5.43
CA ILE A 113 19.22 4.13 -4.26
C ILE A 113 19.95 5.37 -3.78
N PHE A 114 19.18 6.37 -3.37
CA PHE A 114 19.71 7.70 -3.11
C PHE A 114 19.23 8.22 -1.77
N ASP A 115 20.09 9.02 -1.12
CA ASP A 115 19.75 9.66 0.13
C ASP A 115 20.48 10.99 0.22
N SER A 116 19.99 11.85 1.10
CA SER A 116 20.59 13.16 1.32
C SER A 116 21.38 13.23 2.63
N ASP A 117 21.36 12.17 3.43
CA ASP A 117 22.03 12.18 4.72
C ASP A 117 23.46 11.71 4.57
N PRO A 118 24.46 12.55 4.87
CA PRO A 118 25.85 12.11 4.71
C PRO A 118 26.20 10.88 5.52
N SER A 119 25.48 10.61 6.61
CA SER A 119 25.77 9.42 7.40
C SER A 119 25.47 8.15 6.63
N LYS A 120 24.45 8.16 5.78
CA LYS A 120 24.07 6.97 5.02
C LYS A 120 24.65 6.94 3.62
N ILE A 121 25.05 8.10 3.08
CA ILE A 121 25.66 8.11 1.75
C ILE A 121 26.94 7.29 1.80
N GLY A 122 27.11 6.41 0.82
CA GLY A 122 28.24 5.51 0.78
C GLY A 122 27.99 4.17 1.43
N LYS A 123 26.99 4.07 2.29
CA LYS A 123 26.66 2.80 2.92
C LYS A 123 25.97 1.89 1.92
N GLU A 124 26.01 0.59 2.20
CA GLU A 124 25.29 -0.38 1.39
C GLU A 124 23.88 -0.56 1.92
N ALA A 125 22.88 -0.39 1.06
CA ALA A 125 21.50 -0.57 1.42
C ALA A 125 20.97 -1.96 1.09
N ALA A 126 21.60 -2.66 0.15
CA ALA A 126 21.21 -4.00 -0.23
C ALA A 126 22.39 -4.66 -0.92
N PRO A 127 22.31 -5.96 -1.18
CA PRO A 127 23.44 -6.66 -1.83
C PRO A 127 23.87 -5.97 -3.12
N GLY A 128 25.13 -5.52 -3.16
CA GLY A 128 25.64 -4.86 -4.33
C GLY A 128 25.01 -3.53 -4.66
N LEU A 129 24.35 -2.90 -3.68
CA LEU A 129 23.67 -1.62 -3.88
C LEU A 129 24.18 -0.64 -2.83
N THR A 130 24.92 0.38 -3.28
CA THR A 130 25.48 1.40 -2.39
C THR A 130 24.68 2.68 -2.49
N VAL A 131 24.36 3.27 -1.33
CA VAL A 131 23.59 4.50 -1.31
C VAL A 131 24.36 5.62 -1.99
N SER A 132 23.72 6.27 -2.95
CA SER A 132 24.30 7.39 -3.66
C SER A 132 23.75 8.71 -3.12
N ASP A 133 24.52 9.77 -3.30
CA ASP A 133 24.07 11.11 -2.92
C ASP A 133 22.91 11.53 -3.81
N VAL A 134 21.83 12.01 -3.18
CA VAL A 134 20.64 12.39 -3.93
C VAL A 134 20.93 13.49 -4.95
N SER A 135 22.05 14.20 -4.78
CA SER A 135 22.43 15.24 -5.75
C SER A 135 22.68 14.65 -7.14
N GLU A 136 22.93 13.34 -7.22
CA GLU A 136 23.22 12.68 -8.49
C GLU A 136 22.00 12.02 -9.09
N LEU A 137 20.80 12.25 -8.52
CA LEU A 137 19.62 11.52 -8.96
C LEU A 137 19.32 11.74 -10.43
N GLU A 138 19.19 13.00 -10.84
CA GLU A 138 18.83 13.30 -12.23
C GLU A 138 19.84 12.70 -13.19
N LYS A 139 21.13 12.90 -12.91
CA LYS A 139 22.18 12.37 -13.78
C LYS A 139 22.06 10.85 -13.92
N PHE A 140 21.83 10.15 -12.80
CA PHE A 140 21.71 8.70 -12.85
C PHE A 140 20.52 8.28 -13.70
N VAL A 141 19.37 8.94 -13.50
CA VAL A 141 18.15 8.54 -14.19
C VAL A 141 18.32 8.69 -15.71
N GLU A 142 18.93 9.78 -16.15
CA GLU A 142 19.10 10.01 -17.58
C GLU A 142 20.09 9.02 -18.18
N GLU A 143 21.22 8.81 -17.50
CA GLU A 143 22.28 7.97 -18.08
C GLU A 143 21.82 6.53 -18.23
N HIS A 144 21.21 5.96 -17.19
CA HIS A 144 20.83 4.55 -17.20
C HIS A 144 19.39 4.32 -17.65
N GLY A 145 18.72 5.36 -18.15
CA GLY A 145 17.35 5.19 -18.61
C GLY A 145 16.42 4.59 -17.58
N VAL A 146 16.53 5.04 -16.33
CA VAL A 146 15.63 4.55 -15.29
C VAL A 146 14.20 4.89 -15.64
N GLU A 147 13.28 3.98 -15.36
CA GLU A 147 11.89 4.12 -15.76
C GLU A 147 10.93 4.36 -14.62
N ILE A 148 11.18 3.78 -13.44
CA ILE A 148 10.29 3.91 -12.30
C ILE A 148 11.08 4.42 -11.11
N GLY A 149 10.54 5.44 -10.45
CA GLY A 149 11.13 5.98 -9.23
C GLY A 149 10.21 5.71 -8.04
N VAL A 150 10.80 5.16 -6.99
CA VAL A 150 10.09 4.89 -5.74
C VAL A 150 10.47 5.98 -4.75
N ILE A 151 9.49 6.74 -4.30
CA ILE A 151 9.70 7.87 -3.39
C ILE A 151 9.49 7.38 -1.97
N ALA A 152 10.56 7.38 -1.18
CA ALA A 152 10.52 6.99 0.23
C ALA A 152 11.18 8.07 1.09
N VAL A 153 10.84 9.32 0.82
CA VAL A 153 11.35 10.45 1.60
C VAL A 153 10.18 11.03 2.41
N PRO A 154 10.45 11.79 3.46
CA PRO A 154 9.35 12.42 4.22
C PRO A 154 8.44 13.23 3.32
N ALA A 155 7.20 13.44 3.75
CA ALA A 155 6.21 14.11 2.91
C ALA A 155 6.71 15.48 2.45
N GLU A 156 7.44 16.19 3.30
CA GLU A 156 7.83 17.56 2.99
C GLU A 156 8.75 17.63 1.77
N HIS A 157 9.34 16.52 1.34
CA HIS A 157 10.25 16.50 0.21
C HIS A 157 9.79 15.59 -0.92
N ALA A 158 8.58 15.05 -0.84
CA ALA A 158 8.12 14.12 -1.86
C ALA A 158 7.87 14.83 -3.18
N GLN A 159 7.17 15.96 -3.15
CA GLN A 159 6.86 16.68 -4.37
C GLN A 159 8.12 17.12 -5.10
N GLU A 160 9.10 17.65 -4.36
CA GLU A 160 10.34 18.09 -4.99
C GLU A 160 11.07 16.92 -5.65
N ILE A 161 11.09 15.76 -4.99
CA ILE A 161 11.74 14.60 -5.58
C ILE A 161 10.97 14.12 -6.80
N ALA A 162 9.64 14.22 -6.75
CA ALA A 162 8.82 13.80 -7.90
C ALA A 162 9.13 14.65 -9.12
N GLU A 163 9.34 15.95 -8.94
CA GLU A 163 9.57 16.83 -10.08
C GLU A 163 10.96 16.60 -10.67
N ARG A 164 11.95 16.26 -9.86
CA ARG A 164 13.27 15.95 -10.39
C ARG A 164 13.24 14.68 -11.21
N LEU A 165 12.55 13.64 -10.72
CA LEU A 165 12.41 12.41 -11.50
C LEU A 165 11.72 12.68 -12.83
N GLU A 166 10.59 13.39 -12.80
CA GLU A 166 9.86 13.69 -14.02
C GLU A 166 10.72 14.51 -14.98
N LYS A 167 11.53 15.42 -14.44
CA LYS A 167 12.44 16.21 -15.27
C LYS A 167 13.51 15.34 -15.91
N ALA A 168 13.97 14.31 -15.21
CA ALA A 168 15.00 13.42 -15.73
C ALA A 168 14.45 12.34 -16.66
N GLY A 169 13.15 12.36 -16.94
CA GLY A 169 12.57 11.42 -17.88
C GLY A 169 11.96 10.18 -17.26
N ILE A 170 11.71 10.18 -15.96
CA ILE A 170 11.08 9.02 -15.34
C ILE A 170 9.71 8.79 -15.98
N LYS A 171 9.33 7.51 -16.11
CA LYS A 171 8.07 7.15 -16.73
C LYS A 171 6.94 6.93 -15.73
N GLY A 172 7.27 6.68 -14.46
CA GLY A 172 6.24 6.45 -13.46
C GLY A 172 6.85 6.46 -12.08
N ILE A 173 5.99 6.66 -11.09
CA ILE A 173 6.42 6.84 -9.71
C ILE A 173 5.58 5.98 -8.78
N LEU A 174 6.23 5.26 -7.87
CA LEU A 174 5.58 4.60 -6.75
C LEU A 174 5.85 5.44 -5.51
N ASN A 175 4.79 6.00 -4.93
CA ASN A 175 4.90 7.02 -3.89
C ASN A 175 4.46 6.44 -2.55
N PHE A 176 5.35 6.49 -1.56
CA PHE A 176 5.05 6.06 -0.21
C PHE A 176 4.73 7.20 0.75
N ALA A 177 5.07 8.44 0.38
CA ALA A 177 4.91 9.58 1.29
C ALA A 177 3.44 10.00 1.38
N PRO A 178 2.96 10.33 2.58
CA PRO A 178 1.54 10.66 2.73
C PRO A 178 1.21 12.05 2.19
N VAL A 179 1.33 12.22 0.86
CA VAL A 179 0.99 13.49 0.23
C VAL A 179 0.63 13.19 -1.23
N LYS A 180 -0.22 14.02 -1.80
CA LYS A 180 -0.66 13.84 -3.19
C LYS A 180 0.36 14.48 -4.12
N ILE A 181 1.08 13.65 -4.87
CA ILE A 181 2.10 14.11 -5.79
C ILE A 181 1.42 14.69 -7.04
N LYS A 182 1.99 15.77 -7.57
CA LYS A 182 1.46 16.45 -8.75
C LYS A 182 2.51 16.39 -9.86
N VAL A 183 2.31 15.51 -10.83
CA VAL A 183 3.22 15.33 -11.96
C VAL A 183 2.42 14.81 -13.15
N SER A 184 3.04 14.83 -14.31
CA SER A 184 2.38 14.42 -15.55
C SER A 184 2.54 12.93 -15.86
N VAL A 185 3.38 12.22 -15.13
CA VAL A 185 3.54 10.78 -15.32
C VAL A 185 2.57 10.06 -14.39
N PRO A 186 2.22 8.81 -14.66
CA PRO A 186 1.34 8.07 -13.75
C PRO A 186 1.99 7.91 -12.39
N VAL A 187 1.14 7.85 -11.36
CA VAL A 187 1.60 7.72 -9.98
C VAL A 187 0.69 6.75 -9.26
N GLU A 188 1.27 5.70 -8.67
CA GLU A 188 0.57 4.82 -7.74
C GLU A 188 1.05 5.11 -6.33
N ASN A 189 0.10 5.30 -5.42
CA ASN A 189 0.40 5.67 -4.04
C ASN A 189 0.12 4.50 -3.11
N ILE A 190 1.00 4.34 -2.12
CA ILE A 190 0.82 3.39 -1.03
C ILE A 190 0.94 4.20 0.27
N ASP A 191 -0.19 4.44 0.92
CA ASP A 191 -0.26 5.25 2.12
C ASP A 191 -0.58 4.34 3.31
N ILE A 192 0.47 3.93 4.03
CA ILE A 192 0.30 2.96 5.10
C ILE A 192 -0.61 3.50 6.20
N THR A 193 -0.36 4.74 6.62
CA THR A 193 -1.18 5.32 7.69
C THR A 193 -2.63 5.45 7.25
N ALA A 194 -2.87 5.86 6.01
CA ALA A 194 -4.24 5.94 5.51
C ALA A 194 -4.91 4.58 5.55
N SER A 195 -4.16 3.52 5.26
CA SER A 195 -4.74 2.18 5.31
C SER A 195 -5.17 1.81 6.72
N LEU A 196 -4.30 2.07 7.71
CA LEU A 196 -4.66 1.81 9.10
C LEU A 196 -5.94 2.57 9.48
N ARG A 197 -6.05 3.83 9.07
CA ARG A 197 -7.22 4.61 9.43
C ARG A 197 -8.46 4.17 8.66
N VAL A 198 -8.29 3.63 7.46
CA VAL A 198 -9.41 2.97 6.80
C VAL A 198 -9.78 1.70 7.56
N LEU A 199 -8.78 1.03 8.15
CA LEU A 199 -9.05 -0.18 8.91
C LEU A 199 -9.81 0.14 10.19
N THR A 200 -9.38 1.17 10.92
CA THR A 200 -10.09 1.55 12.13
C THR A 200 -11.51 1.99 11.81
N PHE A 201 -11.70 2.66 10.67
CA PHE A 201 -13.05 3.00 10.23
C PHE A 201 -13.93 1.77 10.15
N GLU A 202 -13.44 0.73 9.47
CA GLU A 202 -14.22 -0.50 9.32
C GLU A 202 -14.40 -1.21 10.65
N ILE A 203 -13.41 -1.13 11.55
CA ILE A 203 -13.50 -1.81 12.84
C ILE A 203 -14.65 -1.24 13.66
N VAL A 204 -14.66 0.09 13.84
CA VAL A 204 -15.70 0.71 14.64
C VAL A 204 -17.06 0.68 13.95
N ARG A 205 -17.09 0.60 12.62
CA ARG A 205 -18.36 0.49 11.91
C ARG A 205 -19.05 -0.83 12.22
N ARG A 206 -18.36 -1.95 12.04
CA ARG A 206 -18.94 -3.25 12.35
C ARG A 206 -19.47 -3.29 13.77
N ASN A 207 -18.63 -2.94 14.73
CA ASN A 207 -19.04 -2.93 16.14
C ASN A 207 -19.74 -1.63 16.49
N ILE B 5 -23.05 3.50 3.20
CA ILE B 5 -22.01 4.43 2.80
C ILE B 5 -21.20 3.83 1.66
N PRO B 6 -21.02 4.60 0.58
CA PRO B 6 -20.26 4.09 -0.57
C PRO B 6 -18.85 3.69 -0.17
N LYS B 7 -18.29 2.75 -0.91
CA LYS B 7 -16.98 2.20 -0.57
C LYS B 7 -15.86 3.22 -0.68
N PRO B 8 -15.79 4.07 -1.71
CA PRO B 8 -14.66 5.00 -1.82
C PRO B 8 -14.69 6.14 -0.81
N VAL B 9 -15.74 6.27 0.00
CA VAL B 9 -15.86 7.40 0.90
C VAL B 9 -14.80 7.33 2.00
N SER B 10 -14.67 6.16 2.65
CA SER B 10 -13.75 6.02 3.77
C SER B 10 -12.34 6.48 3.39
N LYS B 11 -11.89 6.13 2.19
CA LYS B 11 -10.57 6.54 1.75
C LYS B 11 -10.46 8.06 1.69
N ARG B 12 -11.46 8.71 1.10
CA ARG B 12 -11.43 10.17 1.02
C ARG B 12 -11.57 10.80 2.40
N LEU B 13 -12.32 10.17 3.31
CA LEU B 13 -12.43 10.69 4.66
C LEU B 13 -11.05 10.80 5.32
N VAL B 14 -10.22 9.78 5.15
CA VAL B 14 -8.86 9.82 5.71
C VAL B 14 -8.07 10.96 5.08
N SER B 15 -8.31 11.22 3.80
CA SER B 15 -7.61 12.33 3.14
C SER B 15 -8.07 13.68 3.69
N TYR B 16 -9.38 13.86 3.87
CA TYR B 16 -9.87 15.07 4.52
C TYR B 16 -9.26 15.23 5.91
N TYR B 17 -9.10 14.11 6.63
CA TYR B 17 -8.61 14.17 7.99
C TYR B 17 -7.19 14.72 8.03
N MET B 18 -6.29 14.18 7.20
CA MET B 18 -4.92 14.69 7.17
C MET B 18 -4.88 16.14 6.74
N CYS B 19 -5.72 16.53 5.77
CA CYS B 19 -5.72 17.91 5.30
C CYS B 19 -6.16 18.86 6.41
N LEU B 20 -7.15 18.46 7.20
CA LEU B 20 -7.60 19.31 8.29
C LEU B 20 -6.53 19.48 9.36
N GLU B 21 -5.75 18.43 9.61
CA GLU B 21 -4.64 18.56 10.55
C GLU B 21 -3.61 19.55 10.05
N ARG B 22 -3.39 19.58 8.73
CA ARG B 22 -2.49 20.56 8.16
C ARG B 22 -3.02 21.97 8.32
N LEU B 23 -4.32 22.17 8.06
CA LEU B 23 -4.93 23.49 8.23
C LEU B 23 -4.82 23.95 9.68
N LEU B 24 -4.97 23.03 10.63
CA LEU B 24 -4.83 23.40 12.04
C LEU B 24 -3.42 23.86 12.34
N ASP B 25 -2.42 23.20 11.76
CA ASP B 25 -1.04 23.63 11.93
C ASP B 25 -0.80 24.99 11.29
N GLU B 26 -1.58 25.35 10.27
CA GLU B 26 -1.46 26.65 9.62
C GLU B 26 -2.23 27.75 10.35
N GLY B 27 -3.06 27.41 11.33
CA GLY B 27 -3.83 28.40 12.06
C GLY B 27 -5.20 28.68 11.49
N VAL B 28 -5.63 27.98 10.44
CA VAL B 28 -6.92 28.24 9.83
C VAL B 28 -8.02 27.70 10.73
N GLU B 29 -9.02 28.53 11.02
CA GLU B 29 -10.15 28.14 11.86
C GLU B 29 -11.38 27.74 11.07
N VAL B 30 -11.62 28.39 9.93
CA VAL B 30 -12.75 28.08 9.07
C VAL B 30 -12.23 27.81 7.66
N VAL B 31 -12.86 26.84 6.99
CA VAL B 31 -12.49 26.50 5.61
C VAL B 31 -13.76 26.09 4.88
N SER B 32 -13.85 26.49 3.62
CA SER B 32 -14.96 26.09 2.77
C SER B 32 -14.63 24.80 2.03
N SER B 33 -15.68 24.12 1.57
CA SER B 33 -15.47 22.92 0.78
C SER B 33 -14.69 23.21 -0.49
N GLU B 34 -14.87 24.43 -1.04
CA GLU B 34 -14.12 24.80 -2.23
C GLU B 34 -12.65 25.02 -1.92
N GLU B 35 -12.33 25.54 -0.73
CA GLU B 35 -10.93 25.68 -0.34
C GLU B 35 -10.33 24.32 -0.03
N LEU B 36 -11.10 23.43 0.60
CA LEU B 36 -10.62 22.07 0.82
C LEU B 36 -10.41 21.33 -0.49
N ALA B 37 -11.39 21.43 -1.40
CA ALA B 37 -11.27 20.77 -2.69
C ALA B 37 -10.11 21.32 -3.51
N ARG B 38 -9.76 22.59 -3.32
CA ARG B 38 -8.69 23.19 -4.11
C ARG B 38 -7.33 22.55 -3.80
N ARG B 39 -7.09 22.17 -2.55
CA ARG B 39 -5.81 21.61 -2.16
C ARG B 39 -5.79 20.09 -2.14
N LEU B 40 -6.94 19.44 -2.34
CA LEU B 40 -7.00 17.98 -2.46
C LEU B 40 -7.20 17.53 -3.88
N ASP B 41 -7.46 18.45 -4.82
CA ASP B 41 -7.69 18.13 -6.22
C ASP B 41 -8.96 17.30 -6.39
N LEU B 42 -10.03 17.68 -5.67
CA LEU B 42 -11.32 17.06 -5.77
C LEU B 42 -12.37 18.13 -6.04
N LYS B 43 -13.57 17.69 -6.42
CA LYS B 43 -14.69 18.60 -6.57
C LYS B 43 -15.32 18.89 -5.21
N ALA B 44 -15.62 20.17 -4.97
CA ALA B 44 -16.21 20.56 -3.69
C ALA B 44 -17.49 19.79 -3.42
N SER B 45 -18.29 19.54 -4.47
CA SER B 45 -19.55 18.83 -4.27
C SER B 45 -19.30 17.43 -3.74
N GLN B 46 -18.25 16.76 -4.21
CA GLN B 46 -17.95 15.43 -3.69
C GLN B 46 -17.62 15.49 -2.20
N ILE B 47 -16.82 16.48 -1.80
CA ILE B 47 -16.48 16.62 -0.38
C ILE B 47 -17.73 16.83 0.46
N ARG B 48 -18.64 17.69 -0.02
CA ARG B 48 -19.87 17.96 0.73
C ARG B 48 -20.75 16.71 0.78
N LYS B 49 -20.83 15.97 -0.33
CA LYS B 49 -21.64 14.75 -0.34
C LYS B 49 -21.11 13.73 0.66
N ASP B 50 -19.80 13.47 0.63
CA ASP B 50 -19.23 12.48 1.53
C ASP B 50 -19.51 12.83 2.99
N LEU B 51 -19.34 14.11 3.35
CA LEU B 51 -19.66 14.52 4.72
C LEU B 51 -21.15 14.38 5.01
N SER B 52 -21.99 14.48 3.99
CA SER B 52 -23.44 14.36 4.18
C SER B 52 -23.83 13.02 4.77
N TYR B 53 -23.08 11.95 4.44
CA TYR B 53 -23.42 10.62 4.92
C TYR B 53 -23.38 10.53 6.43
N PHE B 54 -22.60 11.37 7.10
CA PHE B 54 -22.36 11.24 8.53
C PHE B 54 -22.97 12.36 9.37
N GLY B 55 -23.30 13.50 8.77
CA GLY B 55 -23.95 14.55 9.51
C GLY B 55 -23.83 15.88 8.78
N GLU B 56 -24.29 16.92 9.46
CA GLU B 56 -24.25 18.30 8.97
C GLU B 56 -23.29 19.07 9.86
N PHE B 57 -22.03 19.15 9.42
CA PHE B 57 -20.98 19.81 10.17
C PHE B 57 -20.69 21.22 9.66
N GLY B 58 -21.38 21.67 8.63
CA GLY B 58 -21.10 22.94 8.01
C GLY B 58 -22.04 24.05 8.48
N LYS B 59 -21.65 25.28 8.19
CA LYS B 59 -22.45 26.47 8.48
C LYS B 59 -22.82 27.11 7.15
N ARG B 60 -24.09 27.10 6.81
CA ARG B 60 -24.52 27.63 5.52
C ARG B 60 -24.05 29.07 5.36
N GLY B 61 -23.49 29.36 4.18
CA GLY B 61 -22.95 30.68 3.91
C GLY B 61 -21.70 31.04 4.67
N VAL B 62 -21.06 30.08 5.33
CA VAL B 62 -19.87 30.36 6.12
C VAL B 62 -18.79 29.33 5.80
N GLY B 63 -19.11 28.06 6.00
CA GLY B 63 -18.16 27.00 5.76
C GLY B 63 -18.13 25.96 6.86
N TYR B 64 -16.94 25.44 7.17
CA TYR B 64 -16.77 24.41 8.18
C TYR B 64 -15.74 24.86 9.21
N ASN B 65 -16.05 24.68 10.48
CA ASN B 65 -15.08 24.91 11.54
C ASN B 65 -14.03 23.81 11.49
N VAL B 66 -12.78 24.19 11.21
CA VAL B 66 -11.73 23.20 10.96
C VAL B 66 -11.60 22.25 12.14
N GLU B 67 -11.54 22.79 13.36
CA GLU B 67 -11.32 21.94 14.53
C GLU B 67 -12.52 21.03 14.77
N HIS B 68 -13.74 21.56 14.62
CA HIS B 68 -14.93 20.74 14.85
C HIS B 68 -15.02 19.61 13.83
N LEU B 69 -14.75 19.90 12.56
CA LEU B 69 -14.85 18.86 11.54
C LEU B 69 -13.72 17.84 11.68
N TYR B 70 -12.52 18.31 12.04
CA TYR B 70 -11.42 17.41 12.33
C TYR B 70 -11.79 16.44 13.45
N ASP B 71 -12.32 16.96 14.55
CA ASP B 71 -12.73 16.10 15.66
C ASP B 71 -13.85 15.16 15.24
N ALA B 72 -14.76 15.63 14.40
CA ALA B 72 -15.88 14.80 13.96
C ALA B 72 -15.40 13.64 13.10
N ILE B 73 -14.54 13.92 12.11
CA ILE B 73 -14.02 12.86 11.27
C ILE B 73 -13.17 11.90 12.10
N GLY B 74 -12.38 12.44 13.03
CA GLY B 74 -11.60 11.57 13.90
C GLY B 74 -12.47 10.61 14.68
N GLU B 75 -13.64 11.07 15.13
CA GLU B 75 -14.57 10.19 15.83
C GLU B 75 -15.13 9.13 14.89
N ILE B 76 -15.46 9.52 13.65
CA ILE B 76 -15.97 8.56 12.69
C ILE B 76 -14.91 7.53 12.33
N LEU B 77 -13.67 7.99 12.12
CA LEU B 77 -12.56 7.10 11.77
C LEU B 77 -12.10 6.24 12.93
N GLY B 78 -12.66 6.44 14.13
CA GLY B 78 -12.19 5.70 15.29
C GLY B 78 -10.80 6.08 15.74
N VAL B 79 -10.33 7.28 15.38
CA VAL B 79 -8.97 7.70 15.72
C VAL B 79 -8.88 8.38 17.08
N LYS B 80 -10.02 8.63 17.74
CA LYS B 80 -10.03 9.30 19.03
C LYS B 80 -9.51 8.43 20.16
N LYS B 81 -8.94 7.26 19.86
CA LYS B 81 -8.40 6.35 20.87
C LYS B 81 -7.02 5.87 20.42
N GLU B 82 -6.31 5.23 21.35
CA GLU B 82 -5.04 4.59 21.05
C GLU B 82 -5.30 3.13 20.67
N TRP B 83 -4.69 2.69 19.58
CA TRP B 83 -4.87 1.34 19.07
C TRP B 83 -3.62 0.52 19.32
N LYS B 84 -3.79 -0.66 19.90
CA LYS B 84 -2.68 -1.54 20.22
C LYS B 84 -2.44 -2.48 19.05
N LEU B 85 -1.24 -2.45 18.49
CA LEU B 85 -0.88 -3.23 17.33
C LEU B 85 0.22 -4.24 17.67
N VAL B 86 0.21 -5.35 16.94
CA VAL B 86 1.31 -6.31 16.95
C VAL B 86 1.75 -6.56 15.52
N VAL B 87 3.05 -6.71 15.32
CA VAL B 87 3.62 -6.99 14.01
C VAL B 87 4.08 -8.44 13.98
N VAL B 88 3.57 -9.20 13.02
CA VAL B 88 3.99 -10.58 12.81
C VAL B 88 4.92 -10.60 11.60
N GLY B 89 6.18 -10.95 11.84
CA GLY B 89 7.20 -10.88 10.81
C GLY B 89 8.15 -9.74 11.05
N ALA B 90 9.37 -10.06 11.49
CA ALA B 90 10.39 -9.06 11.78
C ALA B 90 11.37 -8.88 10.63
N GLY B 91 10.90 -9.03 9.39
CA GLY B 91 11.73 -8.84 8.21
C GLY B 91 11.80 -7.40 7.78
N ASN B 92 12.00 -7.20 6.47
CA ASN B 92 12.10 -5.84 5.93
C ASN B 92 10.87 -5.02 6.28
N ILE B 93 9.69 -5.50 5.86
CA ILE B 93 8.46 -4.75 6.08
C ILE B 93 8.15 -4.65 7.57
N GLY B 94 8.26 -5.76 8.29
CA GLY B 94 7.91 -5.77 9.70
C GLY B 94 8.70 -4.76 10.51
N ARG B 95 10.02 -4.70 10.29
CA ARG B 95 10.84 -3.74 11.03
C ARG B 95 10.59 -2.31 10.57
N ALA B 96 10.35 -2.12 9.27
CA ALA B 96 10.06 -0.77 8.78
C ALA B 96 8.82 -0.19 9.44
N VAL B 97 7.77 -1.00 9.59
CA VAL B 97 6.55 -0.52 10.21
C VAL B 97 6.74 -0.35 11.72
N ALA B 98 7.50 -1.25 12.34
CA ALA B 98 7.71 -1.15 13.78
C ALA B 98 8.49 0.12 14.14
N ASN B 99 9.57 0.40 13.41
CA ASN B 99 10.38 1.57 13.72
C ASN B 99 9.63 2.86 13.45
N TYR B 100 8.68 2.84 12.51
CA TYR B 100 7.92 4.05 12.20
C TYR B 100 6.84 4.31 13.24
N THR B 101 6.02 3.29 13.54
CA THR B 101 4.94 3.47 14.49
C THR B 101 5.46 3.97 15.84
N VAL B 102 6.50 3.35 16.36
CA VAL B 102 7.06 3.77 17.64
C VAL B 102 7.50 5.22 17.60
N MET B 103 7.94 5.70 16.44
CA MET B 103 8.54 7.02 16.31
C MET B 103 7.56 8.10 15.86
N LYS B 104 6.84 7.87 14.76
CA LYS B 104 6.06 8.92 14.12
C LYS B 104 4.59 8.92 14.52
N GLU B 105 4.01 7.77 14.81
CA GLU B 105 2.58 7.68 15.12
C GLU B 105 2.37 7.64 16.63
N LYS B 106 1.38 8.41 17.09
CA LYS B 106 0.98 8.43 18.48
C LYS B 106 -0.36 7.76 18.74
N GLY B 107 -1.17 7.55 17.72
CA GLY B 107 -2.46 6.90 17.88
C GLY B 107 -2.40 5.40 17.72
N PHE B 108 -1.32 4.92 17.09
CA PHE B 108 -1.09 3.49 16.91
C PHE B 108 0.18 3.11 17.67
N ARG B 109 0.04 2.22 18.65
CA ARG B 109 1.14 1.83 19.53
C ARG B 109 1.47 0.35 19.29
N ILE B 110 2.59 0.10 18.63
CA ILE B 110 3.08 -1.27 18.48
C ILE B 110 3.68 -1.72 19.81
N ILE B 111 3.06 -2.73 20.43
CA ILE B 111 3.50 -3.24 21.72
C ILE B 111 4.09 -4.63 21.62
N GLY B 112 4.18 -5.19 20.41
CA GLY B 112 4.77 -6.50 20.24
C GLY B 112 5.09 -6.82 18.78
N ILE B 113 6.16 -7.57 18.57
CA ILE B 113 6.55 -8.03 17.24
C ILE B 113 7.04 -9.46 17.36
N PHE B 114 6.68 -10.30 16.39
CA PHE B 114 6.87 -11.74 16.50
C PHE B 114 7.53 -12.28 15.25
N ASP B 115 8.32 -13.34 15.44
CA ASP B 115 8.96 -14.04 14.33
C ASP B 115 9.13 -15.50 14.70
N SER B 116 9.47 -16.31 13.71
CA SER B 116 9.71 -17.73 13.91
C SER B 116 11.17 -18.12 13.74
N ASP B 117 12.03 -17.19 13.34
CA ASP B 117 13.43 -17.49 13.08
C ASP B 117 14.22 -17.36 14.36
N PRO B 118 14.85 -18.43 14.86
CA PRO B 118 15.59 -18.33 16.14
C PRO B 118 16.65 -17.25 16.16
N SER B 119 17.19 -16.87 14.99
CA SER B 119 18.20 -15.83 14.97
C SER B 119 17.63 -14.47 15.38
N LYS B 120 16.37 -14.19 15.04
CA LYS B 120 15.74 -12.91 15.33
C LYS B 120 14.86 -12.92 16.56
N ILE B 121 14.45 -14.10 17.05
CA ILE B 121 13.55 -14.19 18.18
C ILE B 121 14.09 -13.53 19.45
N GLY B 122 15.36 -13.13 19.46
CA GLY B 122 15.91 -12.52 20.65
C GLY B 122 16.38 -11.09 20.44
N LYS B 123 16.59 -10.72 19.17
CA LYS B 123 17.07 -9.39 18.84
C LYS B 123 15.98 -8.34 19.02
N GLU B 124 16.41 -7.09 19.14
CA GLU B 124 15.51 -5.94 19.21
C GLU B 124 15.20 -5.46 17.80
N ALA B 125 13.91 -5.30 17.51
CA ALA B 125 13.47 -4.82 16.21
C ALA B 125 13.24 -3.32 16.17
N ALA B 126 13.00 -2.69 17.30
CA ALA B 126 12.79 -1.24 17.36
C ALA B 126 13.05 -0.78 18.79
N PRO B 127 13.11 0.53 19.01
CA PRO B 127 13.35 1.04 20.37
C PRO B 127 12.38 0.44 21.39
N GLY B 128 12.92 -0.27 22.38
CA GLY B 128 12.08 -0.87 23.39
C GLY B 128 11.19 -2.00 22.88
N LEU B 129 11.51 -2.57 21.73
CA LEU B 129 10.72 -3.65 21.14
C LEU B 129 11.64 -4.82 20.87
N THR B 130 11.45 -5.92 21.61
CA THR B 130 12.22 -7.13 21.43
C THR B 130 11.39 -8.15 20.69
N VAL B 131 11.97 -8.80 19.68
CA VAL B 131 11.25 -9.78 18.90
C VAL B 131 10.84 -10.94 19.80
N SER B 132 9.56 -11.29 19.78
CA SER B 132 9.03 -12.41 20.54
C SER B 132 8.86 -13.62 19.63
N ASP B 133 8.91 -14.81 20.24
CA ASP B 133 8.65 -16.03 19.49
C ASP B 133 7.19 -16.06 19.05
N VAL B 134 6.96 -16.35 17.77
CA VAL B 134 5.60 -16.35 17.25
C VAL B 134 4.73 -17.37 17.96
N SER B 135 5.34 -18.34 18.66
CA SER B 135 4.55 -19.30 19.41
C SER B 135 3.73 -18.66 20.52
N GLU B 136 4.10 -17.44 20.93
CA GLU B 136 3.41 -16.72 21.99
C GLU B 136 2.40 -15.71 21.45
N LEU B 137 2.14 -15.73 20.14
CA LEU B 137 1.31 -14.69 19.53
C LEU B 137 -0.08 -14.67 20.14
N GLU B 138 -0.78 -15.82 20.16
CA GLU B 138 -2.14 -15.86 20.66
C GLU B 138 -2.21 -15.41 22.12
N LYS B 139 -1.30 -15.93 22.96
CA LYS B 139 -1.29 -15.54 24.36
C LYS B 139 -1.10 -14.03 24.51
N PHE B 140 -0.16 -13.46 23.75
CA PHE B 140 0.10 -12.03 23.84
C PHE B 140 -1.13 -11.22 23.46
N VAL B 141 -1.78 -11.59 22.36
CA VAL B 141 -2.92 -10.82 21.87
C VAL B 141 -4.05 -10.83 22.89
N GLU B 142 -4.32 -12.00 23.49
CA GLU B 142 -5.41 -12.09 24.45
C GLU B 142 -5.09 -11.32 25.72
N GLU B 143 -3.87 -11.49 26.24
CA GLU B 143 -3.53 -10.89 27.53
C GLU B 143 -3.56 -9.37 27.46
N HIS B 144 -2.93 -8.79 26.43
CA HIS B 144 -2.80 -7.35 26.32
C HIS B 144 -3.92 -6.72 25.48
N GLY B 145 -4.93 -7.49 25.12
CA GLY B 145 -6.03 -6.94 24.34
C GLY B 145 -5.59 -6.22 23.08
N VAL B 146 -4.64 -6.83 22.34
CA VAL B 146 -4.21 -6.24 21.09
C VAL B 146 -5.39 -6.20 20.12
N GLU B 147 -5.47 -5.13 19.34
CA GLU B 147 -6.62 -4.89 18.48
C GLU B 147 -6.32 -5.01 16.99
N ILE B 148 -5.13 -4.67 16.55
CA ILE B 148 -4.76 -4.71 15.13
C ILE B 148 -3.52 -5.56 14.96
N GLY B 149 -3.56 -6.48 14.02
CA GLY B 149 -2.42 -7.31 13.66
C GLY B 149 -1.93 -6.98 12.26
N VAL B 150 -0.64 -6.71 12.14
CA VAL B 150 0.00 -6.43 10.87
C VAL B 150 0.74 -7.70 10.43
N ILE B 151 0.35 -8.24 9.28
CA ILE B 151 0.93 -9.48 8.76
C ILE B 151 2.03 -9.11 7.79
N ALA B 152 3.27 -9.45 8.14
CA ALA B 152 4.45 -9.22 7.30
C ALA B 152 5.25 -10.49 7.15
N VAL B 153 4.55 -11.59 6.89
CA VAL B 153 5.19 -12.89 6.65
C VAL B 153 5.00 -13.27 5.18
N PRO B 154 5.81 -14.18 4.65
CA PRO B 154 5.61 -14.62 3.26
C PRO B 154 4.20 -15.15 3.05
N ALA B 155 3.78 -15.12 1.77
CA ALA B 155 2.40 -15.44 1.44
C ALA B 155 1.99 -16.83 1.94
N GLU B 156 2.93 -17.78 1.89
CA GLU B 156 2.57 -19.16 2.23
C GLU B 156 2.13 -19.32 3.68
N HIS B 157 2.41 -18.34 4.54
CA HIS B 157 2.05 -18.42 5.94
C HIS B 157 1.13 -17.30 6.40
N ALA B 158 0.62 -16.49 5.48
CA ALA B 158 -0.22 -15.36 5.87
C ALA B 158 -1.57 -15.84 6.39
N GLN B 159 -2.23 -16.73 5.64
CA GLN B 159 -3.55 -17.20 6.04
C GLN B 159 -3.52 -17.85 7.41
N GLU B 160 -2.52 -18.71 7.67
CA GLU B 160 -2.43 -19.38 8.96
C GLU B 160 -2.27 -18.38 10.09
N ILE B 161 -1.44 -17.35 9.89
CA ILE B 161 -1.26 -16.33 10.91
C ILE B 161 -2.52 -15.49 11.07
N ALA B 162 -3.24 -15.26 9.96
CA ALA B 162 -4.47 -14.49 10.04
C ALA B 162 -5.50 -15.20 10.92
N GLU B 163 -5.58 -16.53 10.83
CA GLU B 163 -6.56 -17.26 11.62
C GLU B 163 -6.19 -17.30 13.09
N ARG B 164 -4.89 -17.33 13.41
CA ARG B 164 -4.48 -17.28 14.80
C ARG B 164 -4.84 -15.94 15.44
N LEU B 165 -4.60 -14.85 14.71
CA LEU B 165 -5.00 -13.52 15.21
C LEU B 165 -6.50 -13.47 15.45
N GLU B 166 -7.29 -13.89 14.47
CA GLU B 166 -8.74 -13.86 14.62
C GLU B 166 -9.18 -14.75 15.77
N LYS B 167 -8.51 -15.90 15.96
CA LYS B 167 -8.83 -16.77 17.08
C LYS B 167 -8.49 -16.12 18.41
N ALA B 168 -7.42 -15.32 18.45
CA ALA B 168 -7.02 -14.64 19.68
C ALA B 168 -7.81 -13.37 19.94
N GLY B 169 -8.79 -13.05 19.11
CA GLY B 169 -9.64 -11.89 19.33
C GLY B 169 -9.22 -10.62 18.63
N ILE B 170 -8.35 -10.70 17.62
CA ILE B 170 -7.97 -9.50 16.89
C ILE B 170 -9.21 -8.88 16.25
N LYS B 171 -9.22 -7.54 16.18
CA LYS B 171 -10.34 -6.82 15.61
C LYS B 171 -10.15 -6.47 14.15
N GLY B 172 -8.91 -6.46 13.66
CA GLY B 172 -8.65 -6.13 12.28
C GLY B 172 -7.21 -6.46 11.93
N ILE B 173 -6.96 -6.57 10.62
CA ILE B 173 -5.68 -7.03 10.11
C ILE B 173 -5.22 -6.09 9.00
N LEU B 174 -3.96 -5.67 9.06
CA LEU B 174 -3.28 -5.00 7.96
C LEU B 174 -2.35 -6.02 7.32
N ASN B 175 -2.63 -6.37 6.07
CA ASN B 175 -1.97 -7.49 5.39
C ASN B 175 -1.03 -6.97 4.31
N PHE B 176 0.25 -7.35 4.41
CA PHE B 176 1.24 -7.02 3.41
C PHE B 176 1.54 -8.15 2.43
N ALA B 177 1.14 -9.39 2.77
CA ALA B 177 1.50 -10.55 1.96
C ALA B 177 0.64 -10.62 0.71
N PRO B 178 1.23 -10.99 -0.43
CA PRO B 178 0.47 -11.00 -1.70
C PRO B 178 -0.50 -12.17 -1.80
N VAL B 179 -1.53 -12.17 -0.94
CA VAL B 179 -2.55 -13.20 -0.98
C VAL B 179 -3.81 -12.65 -0.34
N LYS B 180 -4.96 -13.14 -0.77
CA LYS B 180 -6.25 -12.68 -0.24
C LYS B 180 -6.56 -13.46 1.03
N ILE B 181 -6.53 -12.77 2.16
CA ILE B 181 -6.80 -13.40 3.45
C ILE B 181 -8.29 -13.61 3.59
N LYS B 182 -8.67 -14.74 4.20
CA LYS B 182 -10.07 -15.11 4.40
C LYS B 182 -10.33 -15.20 5.90
N VAL B 183 -10.99 -14.18 6.45
CA VAL B 183 -11.33 -14.11 7.87
C VAL B 183 -12.58 -13.25 8.02
N SER B 184 -13.16 -13.28 9.22
CA SER B 184 -14.40 -12.57 9.48
C SER B 184 -14.19 -11.15 10.01
N VAL B 185 -12.95 -10.77 10.32
CA VAL B 185 -12.65 -9.41 10.75
C VAL B 185 -12.27 -8.58 9.53
N PRO B 186 -12.35 -7.25 9.60
CA PRO B 186 -11.94 -6.43 8.46
C PRO B 186 -10.47 -6.64 8.13
N VAL B 187 -10.14 -6.49 6.85
CA VAL B 187 -8.78 -6.68 6.36
C VAL B 187 -8.49 -5.61 5.33
N GLU B 188 -7.43 -4.84 5.56
CA GLU B 188 -6.87 -3.92 4.58
C GLU B 188 -5.56 -4.51 4.06
N ASN B 189 -5.42 -4.56 2.74
CA ASN B 189 -4.25 -5.15 2.10
C ASN B 189 -3.39 -4.07 1.48
N ILE B 190 -2.07 -4.24 1.60
CA ILE B 190 -1.09 -3.42 0.93
C ILE B 190 -0.21 -4.36 0.12
N ASP B 191 -0.40 -4.37 -1.20
CA ASP B 191 0.31 -5.28 -2.10
C ASP B 191 1.27 -4.45 -2.94
N ILE B 192 2.53 -4.40 -2.52
CA ILE B 192 3.51 -3.52 -3.17
C ILE B 192 3.72 -3.95 -4.62
N THR B 193 3.90 -5.25 -4.84
CA THR B 193 4.14 -5.74 -6.20
C THR B 193 2.94 -5.47 -7.10
N ALA B 194 1.73 -5.66 -6.57
CA ALA B 194 0.54 -5.37 -7.37
C ALA B 194 0.50 -3.90 -7.76
N SER B 195 0.95 -3.01 -6.88
CA SER B 195 0.98 -1.59 -7.20
C SER B 195 1.95 -1.30 -8.35
N LEU B 196 3.15 -1.88 -8.28
CA LEU B 196 4.10 -1.73 -9.39
C LEU B 196 3.49 -2.20 -10.70
N ARG B 197 2.78 -3.33 -10.68
CA ARG B 197 2.20 -3.86 -11.91
C ARG B 197 1.01 -3.03 -12.36
N VAL B 198 0.30 -2.40 -11.44
CA VAL B 198 -0.69 -1.40 -11.84
C VAL B 198 0.00 -0.19 -12.46
N LEU B 199 1.19 0.16 -11.95
CA LEU B 199 1.93 1.29 -12.51
C LEU B 199 2.42 1.00 -13.91
N THR B 200 3.01 -0.19 -14.12
CA THR B 200 3.47 -0.54 -15.47
C THR B 200 2.31 -0.59 -16.45
N PHE B 201 1.15 -1.05 -16.00
CA PHE B 201 -0.05 -1.03 -16.85
C PHE B 201 -0.31 0.38 -17.36
N GLU B 202 -0.34 1.35 -16.45
CA GLU B 202 -0.61 2.73 -16.84
C GLU B 202 0.52 3.29 -17.71
N ILE B 203 1.76 2.88 -17.47
CA ILE B 203 2.88 3.40 -18.23
C ILE B 203 2.77 2.99 -19.69
N VAL B 204 2.56 1.71 -19.95
CA VAL B 204 2.47 1.22 -21.32
C VAL B 204 1.21 1.72 -22.01
N ARG B 205 0.16 2.05 -21.26
CA ARG B 205 -1.03 2.62 -21.88
C ARG B 205 -0.76 3.99 -22.46
N ARG B 206 0.05 4.81 -21.78
CA ARG B 206 0.39 6.12 -22.30
C ARG B 206 1.25 6.02 -23.55
N ASN B 207 2.24 5.13 -23.54
CA ASN B 207 3.12 4.94 -24.69
C ASN B 207 2.31 4.56 -25.93
#